data_8JV2
#
_entry.id   8JV2
#
_cell.length_a   69.848
_cell.length_b   78.160
_cell.length_c   79.493
_cell.angle_alpha   90.00
_cell.angle_beta   90.00
_cell.angle_gamma   90.00
#
_symmetry.space_group_name_H-M   'P 21 21 21'
#
loop_
_entity.id
_entity.type
_entity.pdbx_description
1 polymer 'Spermidine/putrescine-binding periplasmic protein'
2 non-polymer PROLINE
3 non-polymer '2-(N-MORPHOLINO)-ETHANESULFONIC ACID'
4 non-polymer 'TETRAETHYLENE GLYCOL'
5 non-polymer GLYCEROL
6 water water
#
_entity_poly.entity_id   1
_entity_poly.type   'polypeptide(L)'
_entity_poly.pdbx_seq_one_letter_code
;MGAVTVVSWGGAYTESQKLGYGDPTAAKLGIPVNWVDYTGGLSEIKAQKEAGAITWDIMDVYAKDTIIGCDEGIFHEFDF
DKDFLPAPDGTPASQDFFTSMPSKCAVGNILYSWNFAYNDAKIGDKKPKSIKDFFNTKKFPGKRAIYKGAMSNLEIALVA
DGVKASGAQAGGDLLYRKMEGAGIDRALAKIKKLCTDPNGGCVFWNAGAQPPELLANGEVVMATGWNGRFFNAQMEGTPL
VQVWDAQILDYEYFALVKDGPGYADGSAMKVLAEMTSTEGLAGSAKYIAYAPWRKSSIAIMEAGEPWFKDGKTNMVPHMP
TAPSNLKSHILMNPDYWADNQDEINEKWEAMKAGLHHHHHH
;
_entity_poly.pdbx_strand_id   A
#
loop_
_chem_comp.id
_chem_comp.type
_chem_comp.name
_chem_comp.formula
GOL non-polymer GLYCEROL 'C3 H8 O3'
MES non-polymer '2-(N-MORPHOLINO)-ETHANESULFONIC ACID' 'C6 H13 N O4 S'
PG4 non-polymer 'TETRAETHYLENE GLYCOL' 'C8 H18 O5'
#
# COMPACT_ATOMS: atom_id res chain seq x y z
N GLY A 2 6.68 11.28 27.42
CA GLY A 2 5.84 10.11 27.21
C GLY A 2 5.95 9.57 25.79
N ALA A 3 5.80 8.27 25.62
CA ALA A 3 6.01 7.64 24.32
C ALA A 3 4.80 7.81 23.42
N VAL A 4 5.07 7.83 22.13
CA VAL A 4 4.05 7.90 21.10
C VAL A 4 4.06 6.57 20.35
N THR A 5 2.86 6.01 20.14
CA THR A 5 2.71 4.68 19.53
C THR A 5 2.22 4.83 18.11
N VAL A 6 3.04 4.36 17.17
CA VAL A 6 2.75 4.42 15.74
C VAL A 6 2.43 3.01 15.26
N VAL A 7 1.36 2.88 14.48
CA VAL A 7 0.88 1.59 14.01
C VAL A 7 1.17 1.49 12.52
N SER A 8 1.80 0.40 12.12
CA SER A 8 2.13 0.21 10.71
C SER A 8 2.14 -1.29 10.39
N TRP A 9 2.70 -1.64 9.23
CA TRP A 9 2.35 -2.89 8.57
C TRP A 9 3.41 -3.98 8.74
N GLY A 10 4.47 -3.68 9.49
CA GLY A 10 5.46 -4.68 9.82
C GLY A 10 6.52 -4.88 8.76
N GLY A 11 7.40 -5.83 9.06
CA GLY A 11 8.42 -6.26 8.12
C GLY A 11 9.23 -5.11 7.56
N ALA A 12 9.50 -5.18 6.27
CA ALA A 12 10.37 -4.21 5.61
C ALA A 12 9.78 -2.82 5.63
N TYR A 13 8.44 -2.70 5.63
CA TYR A 13 7.85 -1.38 5.61
C TYR A 13 8.06 -0.67 6.94
N THR A 14 7.67 -1.29 8.06
CA THR A 14 7.94 -0.66 9.35
C THR A 14 9.43 -0.37 9.51
N GLU A 15 10.28 -1.28 9.06
CA GLU A 15 11.72 -1.05 9.21
C GLU A 15 12.15 0.23 8.47
N SER A 16 11.64 0.43 7.26
CA SER A 16 11.99 1.63 6.51
C SER A 16 11.55 2.89 7.23
N GLN A 17 10.43 2.83 7.94
CA GLN A 17 9.90 3.96 8.68
C GLN A 17 10.69 4.20 9.95
N LYS A 18 10.94 3.14 10.72
CA LYS A 18 11.71 3.26 11.95
C LYS A 18 13.10 3.82 11.67
N LEU A 19 13.79 3.27 10.67
CA LEU A 19 15.14 3.74 10.39
C LEU A 19 15.15 5.07 9.65
N GLY A 20 14.20 5.28 8.73
CA GLY A 20 14.20 6.49 7.94
C GLY A 20 13.78 7.72 8.71
N TYR A 21 12.76 7.57 9.57
CA TYR A 21 12.22 8.75 10.23
C TYR A 21 11.74 8.55 11.67
N GLY A 22 11.39 7.35 12.11
CA GLY A 22 10.93 7.18 13.48
C GLY A 22 12.03 7.37 14.51
N ASP A 23 13.10 6.60 14.37
CA ASP A 23 14.20 6.69 15.31
C ASP A 23 14.84 8.08 15.27
N PRO A 24 15.08 8.68 14.11
CA PRO A 24 15.59 10.06 14.11
C PRO A 24 14.67 11.03 14.80
N THR A 25 13.36 10.90 14.60
CA THR A 25 12.41 11.79 15.26
C THR A 25 12.47 11.64 16.78
N ALA A 26 12.47 10.39 17.26
CA ALA A 26 12.51 10.15 18.70
C ALA A 26 13.76 10.77 19.32
N ALA A 27 14.90 10.63 18.64
CA ALA A 27 16.15 11.17 19.18
C ALA A 27 16.14 12.69 19.18
N LYS A 28 15.58 13.30 18.14
CA LYS A 28 15.59 14.76 18.04
C LYS A 28 14.63 15.39 19.05
N LEU A 29 13.44 14.82 19.22
CA LEU A 29 12.43 15.44 20.04
C LEU A 29 12.48 15.04 21.50
N GLY A 30 13.12 13.91 21.81
CA GLY A 30 13.07 13.38 23.17
C GLY A 30 11.75 12.72 23.50
N ILE A 31 10.94 12.40 22.50
CA ILE A 31 9.69 11.68 22.65
C ILE A 31 9.92 10.29 22.08
N PRO A 32 9.89 9.23 22.88
CA PRO A 32 10.06 7.89 22.32
C PRO A 32 8.98 7.58 21.30
N VAL A 33 9.38 6.87 20.25
CA VAL A 33 8.47 6.49 19.16
C VAL A 33 8.51 4.98 19.04
N ASN A 34 7.41 4.34 19.38
CA ASN A 34 7.29 2.88 19.39
C ASN A 34 6.37 2.43 18.27
N TRP A 35 6.60 1.23 17.76
CA TRP A 35 5.90 0.72 16.58
C TRP A 35 5.10 -0.53 16.95
N VAL A 36 3.86 -0.57 16.49
CA VAL A 36 2.96 -1.72 16.64
C VAL A 36 2.58 -2.18 15.23
N ASP A 37 2.58 -3.50 15.02
CA ASP A 37 2.21 -4.08 13.74
C ASP A 37 0.70 -4.31 13.67
N TYR A 38 0.13 -4.03 12.51
CA TYR A 38 -1.24 -4.46 12.18
C TYR A 38 -1.27 -4.79 10.69
N THR A 39 -2.46 -5.11 10.18
CA THR A 39 -2.64 -5.52 8.79
C THR A 39 -3.67 -4.65 8.07
N GLY A 40 -3.89 -3.43 8.53
CA GLY A 40 -4.76 -2.50 7.84
C GLY A 40 -6.17 -2.50 8.41
N GLY A 41 -6.93 -1.49 7.97
CA GLY A 41 -8.31 -1.33 8.38
C GLY A 41 -8.45 -0.62 9.70
N LEU A 42 -9.71 -0.52 10.14
CA LEU A 42 -10.07 0.28 11.30
C LEU A 42 -10.67 -0.54 12.44
N SER A 43 -10.73 -1.86 12.33
CA SER A 43 -11.48 -2.60 13.34
C SER A 43 -10.83 -2.52 14.72
N GLU A 44 -9.50 -2.57 14.78
CA GLU A 44 -8.83 -2.50 16.08
C GLU A 44 -9.03 -1.14 16.73
N ILE A 45 -8.85 -0.06 15.98
CA ILE A 45 -8.98 1.25 16.59
C ILE A 45 -10.42 1.53 16.97
N LYS A 46 -11.39 1.05 16.18
CA LYS A 46 -12.79 1.19 16.57
C LYS A 46 -13.06 0.48 17.90
N ALA A 47 -12.55 -0.73 18.06
CA ALA A 47 -12.73 -1.46 19.31
C ALA A 47 -12.11 -0.69 20.48
N GLN A 48 -10.89 -0.17 20.30
CA GLN A 48 -10.26 0.60 21.36
C GLN A 48 -11.09 1.83 21.71
N LYS A 49 -11.55 2.54 20.68
CA LYS A 49 -12.29 3.78 20.92
C LYS A 49 -13.60 3.50 21.65
N GLU A 50 -14.33 2.48 21.21
CA GLU A 50 -15.60 2.13 21.86
C GLU A 50 -15.40 1.69 23.31
N ALA A 51 -14.26 1.07 23.61
CA ALA A 51 -13.95 0.63 24.96
C ALA A 51 -13.40 1.74 25.83
N GLY A 52 -13.15 2.93 25.29
CA GLY A 52 -12.52 3.98 26.07
C GLY A 52 -11.11 3.63 26.49
N ALA A 53 -10.39 2.89 25.64
CA ALA A 53 -9.08 2.35 25.98
C ALA A 53 -8.17 2.45 24.75
N ILE A 54 -7.95 3.67 24.29
CA ILE A 54 -7.11 3.88 23.11
C ILE A 54 -5.64 3.88 23.53
N THR A 55 -4.85 3.01 22.90
CA THR A 55 -3.40 2.99 23.13
C THR A 55 -2.60 3.39 21.91
N TRP A 56 -3.24 3.57 20.76
CA TRP A 56 -2.57 3.94 19.52
C TRP A 56 -2.66 5.44 19.31
N ASP A 57 -1.57 6.05 18.85
CA ASP A 57 -1.53 7.49 18.60
C ASP A 57 -1.59 7.87 17.14
N ILE A 58 -0.80 7.22 16.30
CA ILE A 58 -0.66 7.57 14.90
C ILE A 58 -0.79 6.26 14.13
N MET A 59 -1.62 6.25 13.08
CA MET A 59 -1.82 5.05 12.27
C MET A 59 -1.39 5.31 10.83
N ASP A 60 -0.58 4.40 10.30
CA ASP A 60 -0.29 4.36 8.87
C ASP A 60 -1.42 3.58 8.22
N VAL A 61 -2.19 4.24 7.36
CA VAL A 61 -3.48 3.75 6.91
C VAL A 61 -3.63 3.81 5.40
N TYR A 62 -4.42 2.85 4.90
CA TYR A 62 -4.96 2.90 3.57
C TYR A 62 -5.63 4.25 3.31
N ALA A 63 -5.51 4.72 2.06
CA ALA A 63 -6.16 5.96 1.65
C ALA A 63 -7.65 5.96 2.02
N LYS A 64 -8.36 4.87 1.73
CA LYS A 64 -9.80 4.83 2.00
C LYS A 64 -10.08 4.98 3.48
N ASP A 65 -9.17 4.54 4.33
CA ASP A 65 -9.40 4.63 5.76
C ASP A 65 -9.16 6.02 6.33
N THR A 66 -8.39 6.88 5.63
CA THR A 66 -8.34 8.29 6.04
C THR A 66 -9.73 8.91 5.91
N ILE A 67 -10.46 8.56 4.85
CA ILE A 67 -11.80 9.09 4.61
C ILE A 67 -12.75 8.54 5.65
N ILE A 68 -12.79 7.22 5.80
CA ILE A 68 -13.72 6.60 6.73
C ILE A 68 -13.44 7.06 8.15
N GLY A 69 -12.17 7.03 8.56
CA GLY A 69 -11.84 7.38 9.92
C GLY A 69 -12.10 8.84 10.24
N CYS A 70 -12.00 9.70 9.24
CA CYS A 70 -12.41 11.08 9.42
C CYS A 70 -13.91 11.17 9.60
N ASP A 71 -14.67 10.52 8.72
CA ASP A 71 -16.13 10.60 8.77
C ASP A 71 -16.68 9.99 10.05
N GLU A 72 -16.00 9.01 10.62
CA GLU A 72 -16.40 8.37 11.87
C GLU A 72 -15.88 9.08 13.11
N GLY A 73 -15.13 10.15 12.94
CA GLY A 73 -14.64 10.89 14.10
C GLY A 73 -13.55 10.19 14.87
N ILE A 74 -12.84 9.24 14.24
CA ILE A 74 -11.71 8.58 14.88
C ILE A 74 -10.46 9.45 14.80
N PHE A 75 -10.24 10.08 13.66
CA PHE A 75 -9.00 10.79 13.36
C PHE A 75 -9.18 12.29 13.46
N HIS A 76 -8.06 12.95 13.67
CA HIS A 76 -8.02 14.41 13.84
C HIS A 76 -7.99 15.11 12.50
N GLU A 77 -8.83 16.13 12.33
CA GLU A 77 -8.80 16.96 11.13
C GLU A 77 -7.66 17.97 11.24
N PHE A 78 -6.69 17.87 10.34
CA PHE A 78 -5.54 18.76 10.35
C PHE A 78 -5.84 20.11 9.75
N ASP A 79 -5.05 21.10 10.18
CA ASP A 79 -4.97 22.41 9.54
C ASP A 79 -3.62 22.38 8.83
N PHE A 80 -3.64 22.02 7.54
CA PHE A 80 -2.49 21.35 6.95
C PHE A 80 -1.20 22.17 7.06
N ASP A 81 -1.25 23.44 6.66
CA ASP A 81 -0.03 24.24 6.64
C ASP A 81 0.38 24.77 8.01
N LYS A 82 -0.50 24.70 9.00
CA LYS A 82 -0.08 24.99 10.37
C LYS A 82 0.49 23.76 11.05
N ASP A 83 0.01 22.57 10.70
CA ASP A 83 0.41 21.37 11.41
C ASP A 83 1.64 20.70 10.82
N PHE A 84 1.87 20.83 9.51
CA PHE A 84 2.95 20.15 8.83
C PHE A 84 4.02 21.12 8.37
N LEU A 85 5.23 20.63 8.25
CA LEU A 85 6.38 21.51 8.09
C LEU A 85 6.53 21.96 6.64
N PRO A 86 6.95 23.19 6.40
CA PRO A 86 7.30 23.59 5.05
C PRO A 86 8.50 22.81 4.53
N ALA A 87 8.66 22.83 3.21
CA ALA A 87 9.91 22.37 2.63
C ALA A 87 11.04 23.28 3.09
N PRO A 88 12.28 22.80 3.01
CA PRO A 88 13.42 23.63 3.43
C PRO A 88 13.46 25.00 2.78
N ASP A 89 13.02 25.13 1.53
CA ASP A 89 13.06 26.41 0.83
C ASP A 89 11.91 27.33 1.21
N GLY A 90 11.03 26.91 2.11
CA GLY A 90 9.89 27.69 2.54
C GLY A 90 8.58 27.32 1.90
N THR A 91 8.57 26.43 0.90
CA THR A 91 7.32 26.04 0.26
C THR A 91 6.36 25.48 1.32
N PRO A 92 5.13 26.00 1.45
CA PRO A 92 4.21 25.41 2.42
C PRO A 92 3.95 23.94 2.12
N ALA A 93 3.66 23.18 3.18
CA ALA A 93 3.46 21.76 3.04
C ALA A 93 2.43 21.43 1.96
N SER A 94 1.33 22.18 1.92
CA SER A 94 0.27 21.86 0.97
C SER A 94 0.73 21.98 -0.47
N GLN A 95 1.75 22.80 -0.74
CA GLN A 95 2.32 22.94 -2.08
C GLN A 95 3.50 22.01 -2.32
N ASP A 96 4.03 21.38 -1.28
CA ASP A 96 5.14 20.46 -1.40
C ASP A 96 4.64 19.03 -1.58
N PHE A 97 3.69 18.59 -0.76
CA PHE A 97 2.99 17.34 -1.05
C PHE A 97 2.43 17.45 -2.48
N PHE A 98 2.63 16.41 -3.29
CA PHE A 98 2.56 16.61 -4.74
C PHE A 98 1.14 16.79 -5.26
N THR A 99 0.14 16.38 -4.50
CA THR A 99 -1.27 16.61 -4.85
C THR A 99 -2.05 16.82 -3.56
N SER A 100 -3.36 16.98 -3.70
CA SER A 100 -4.22 17.23 -2.54
C SER A 100 -4.41 15.98 -1.69
N MET A 101 -4.81 16.19 -0.45
CA MET A 101 -5.16 15.09 0.45
C MET A 101 -6.57 14.58 0.15
N PRO A 102 -6.82 13.30 0.41
CA PRO A 102 -8.14 12.73 0.16
C PRO A 102 -9.14 13.00 1.27
N SER A 103 -8.66 13.53 2.38
CA SER A 103 -9.48 13.79 3.55
CA SER A 103 -9.49 13.81 3.55
C SER A 103 -8.74 14.79 4.41
N LYS A 104 -9.48 15.56 5.22
CA LYS A 104 -8.84 16.48 6.14
C LYS A 104 -8.02 15.77 7.22
N CYS A 105 -8.26 14.47 7.41
CA CYS A 105 -7.54 13.69 8.41
C CYS A 105 -6.29 13.01 7.87
N ALA A 106 -5.90 13.27 6.62
CA ALA A 106 -4.79 12.56 6.01
C ALA A 106 -3.54 13.44 5.89
N VAL A 107 -2.38 12.84 6.12
CA VAL A 107 -1.11 13.42 5.70
C VAL A 107 -0.31 12.32 5.02
N GLY A 108 0.20 12.60 3.82
CA GLY A 108 0.90 11.57 3.08
C GLY A 108 2.22 11.20 3.70
N ASN A 109 2.62 9.94 3.47
CA ASN A 109 4.01 9.54 3.68
C ASN A 109 4.65 9.07 2.38
N ILE A 110 4.23 7.93 1.83
CA ILE A 110 4.82 7.40 0.61
C ILE A 110 3.74 6.96 -0.37
N LEU A 111 4.19 6.71 -1.60
CA LEU A 111 3.42 6.06 -2.64
C LEU A 111 3.95 4.65 -2.84
N TYR A 112 3.05 3.72 -3.11
CA TYR A 112 3.38 2.32 -3.25
C TYR A 112 2.56 1.72 -4.37
N SER A 113 2.98 0.55 -4.85
CA SER A 113 2.25 -0.16 -5.90
C SER A 113 1.79 -1.53 -5.43
N TRP A 114 0.59 -1.89 -5.85
CA TRP A 114 0.15 -3.28 -5.89
C TRP A 114 0.58 -3.84 -7.23
N ASN A 115 1.40 -4.88 -7.22
CA ASN A 115 1.80 -5.52 -8.48
C ASN A 115 1.83 -7.02 -8.25
N PHE A 116 2.62 -7.77 -9.03
CA PHE A 116 2.78 -9.19 -8.73
C PHE A 116 4.20 -9.59 -9.04
N ALA A 117 4.58 -10.77 -8.54
CA ALA A 117 5.92 -11.28 -8.77
C ALA A 117 5.87 -12.79 -8.97
N TYR A 118 6.97 -13.30 -9.51
CA TYR A 118 7.24 -14.73 -9.57
C TYR A 118 8.65 -14.98 -9.09
N ASN A 119 8.96 -16.24 -8.83
CA ASN A 119 10.31 -16.65 -8.45
C ASN A 119 11.01 -17.14 -9.72
N ASP A 120 12.00 -16.38 -10.17
CA ASP A 120 12.66 -16.68 -11.45
C ASP A 120 13.37 -18.02 -11.41
N ALA A 121 13.77 -18.49 -10.24
CA ALA A 121 14.45 -19.77 -10.10
C ALA A 121 13.50 -20.96 -10.09
N LYS A 122 12.20 -20.72 -9.89
CA LYS A 122 11.24 -21.81 -9.79
C LYS A 122 10.20 -21.82 -10.90
N ILE A 123 9.98 -20.69 -11.58
CA ILE A 123 8.84 -20.56 -12.48
C ILE A 123 8.98 -21.44 -13.71
N GLY A 124 10.21 -21.68 -14.19
CA GLY A 124 10.44 -22.43 -15.41
C GLY A 124 10.90 -21.53 -16.54
N ASP A 125 10.96 -22.12 -17.75
CA ASP A 125 11.54 -21.41 -18.88
C ASP A 125 10.65 -20.29 -19.37
N LYS A 126 9.33 -20.47 -19.32
CA LYS A 126 8.42 -19.40 -19.70
C LYS A 126 8.29 -18.43 -18.54
N LYS A 127 8.34 -17.13 -18.85
CA LYS A 127 8.36 -16.10 -17.82
C LYS A 127 7.12 -15.22 -17.91
N PRO A 128 6.35 -15.07 -16.82
CA PRO A 128 5.20 -14.16 -16.86
C PRO A 128 5.62 -12.75 -17.17
N LYS A 129 4.80 -12.06 -17.95
CA LYS A 129 5.09 -10.68 -18.35
C LYS A 129 3.89 -9.75 -18.25
N SER A 130 2.70 -10.25 -18.02
CA SER A 130 1.50 -9.42 -18.07
C SER A 130 0.51 -9.86 -17.00
N ILE A 131 -0.47 -9.00 -16.73
CA ILE A 131 -1.52 -9.39 -15.80
C ILE A 131 -2.37 -10.52 -16.39
N LYS A 132 -2.48 -10.60 -17.72
CA LYS A 132 -3.16 -11.75 -18.30
C LYS A 132 -2.43 -13.05 -17.96
N ASP A 133 -1.10 -13.01 -17.93
CA ASP A 133 -0.32 -14.19 -17.54
C ASP A 133 -0.66 -14.63 -16.11
N PHE A 134 -0.90 -13.66 -15.21
CA PHE A 134 -1.27 -13.99 -13.84
C PHE A 134 -2.50 -14.89 -13.83
N PHE A 135 -3.44 -14.66 -14.74
CA PHE A 135 -4.68 -15.44 -14.80
C PHE A 135 -4.61 -16.64 -15.75
N ASN A 136 -3.48 -16.86 -16.42
CA ASN A 136 -3.39 -17.87 -17.46
C ASN A 136 -2.89 -19.19 -16.87
N THR A 137 -3.82 -20.06 -16.49
CA THR A 137 -3.44 -21.32 -15.87
C THR A 137 -2.99 -22.37 -16.87
N LYS A 138 -3.26 -22.18 -18.16
CA LYS A 138 -2.79 -23.12 -19.15
C LYS A 138 -1.31 -22.89 -19.44
N LYS A 139 -0.91 -21.63 -19.66
CA LYS A 139 0.49 -21.35 -19.90
C LYS A 139 1.30 -21.43 -18.60
N PHE A 140 0.70 -21.02 -17.48
CA PHE A 140 1.37 -21.00 -16.18
C PHE A 140 0.49 -21.72 -15.15
N PRO A 141 0.51 -23.04 -15.13
CA PRO A 141 -0.24 -23.75 -14.09
C PRO A 141 0.38 -23.54 -12.71
N GLY A 142 -0.49 -23.52 -11.69
CA GLY A 142 -0.04 -23.48 -10.32
C GLY A 142 -0.88 -22.56 -9.45
N LYS A 143 -0.68 -22.63 -8.14
CA LYS A 143 -1.45 -21.78 -7.25
C LYS A 143 -0.99 -20.33 -7.36
N ARG A 144 -1.93 -19.42 -7.14
CA ARG A 144 -1.66 -17.99 -7.02
C ARG A 144 -1.92 -17.55 -5.59
N ALA A 145 -1.20 -16.53 -5.15
CA ALA A 145 -1.58 -15.79 -3.95
C ALA A 145 -2.20 -14.47 -4.37
N ILE A 146 -3.37 -14.18 -3.80
CA ILE A 146 -4.06 -12.93 -4.05
C ILE A 146 -4.49 -12.33 -2.72
N TYR A 147 -4.74 -11.03 -2.72
CA TYR A 147 -5.06 -10.32 -1.48
C TYR A 147 -6.38 -10.84 -0.90
N LYS A 148 -6.47 -10.82 0.44
CA LYS A 148 -7.65 -11.36 1.11
C LYS A 148 -8.93 -10.59 0.80
N GLY A 149 -8.82 -9.29 0.51
CA GLY A 149 -9.96 -8.44 0.28
C GLY A 149 -10.24 -8.21 -1.22
N ALA A 150 -11.44 -7.70 -1.50
CA ALA A 150 -11.81 -7.42 -2.88
C ALA A 150 -10.97 -6.29 -3.48
N MET A 151 -10.59 -5.31 -2.68
CA MET A 151 -9.85 -4.17 -3.16
C MET A 151 -8.55 -4.62 -3.80
N SER A 152 -8.27 -4.09 -4.99
CA SER A 152 -7.14 -4.41 -5.88
C SER A 152 -7.44 -5.63 -6.75
N ASN A 153 -8.07 -6.66 -6.17
CA ASN A 153 -8.40 -7.85 -6.96
C ASN A 153 -9.40 -7.54 -8.06
N LEU A 154 -10.43 -6.74 -7.75
CA LEU A 154 -11.43 -6.50 -8.79
C LEU A 154 -10.85 -5.70 -9.93
N GLU A 155 -10.00 -4.71 -9.62
CA GLU A 155 -9.35 -3.92 -10.66
C GLU A 155 -8.51 -4.79 -11.57
N ILE A 156 -7.62 -5.62 -11.01
CA ILE A 156 -6.72 -6.40 -11.87
C ILE A 156 -7.51 -7.44 -12.64
N ALA A 157 -8.57 -7.97 -12.06
CA ALA A 157 -9.39 -8.95 -12.77
C ALA A 157 -10.02 -8.32 -14.01
N LEU A 158 -10.55 -7.11 -13.87
CA LEU A 158 -11.16 -6.47 -15.02
C LEU A 158 -10.14 -6.13 -16.08
N VAL A 159 -8.96 -5.66 -15.69
CA VAL A 159 -7.95 -5.37 -16.68
C VAL A 159 -7.47 -6.65 -17.37
N ALA A 160 -7.36 -7.75 -16.60
CA ALA A 160 -7.04 -9.03 -17.21
C ALA A 160 -8.13 -9.51 -18.16
N ASP A 161 -9.37 -9.08 -17.95
CA ASP A 161 -10.49 -9.34 -18.86
C ASP A 161 -10.51 -8.41 -20.04
N GLY A 162 -9.51 -7.55 -20.21
CA GLY A 162 -9.46 -6.67 -21.34
C GLY A 162 -10.21 -5.37 -21.17
N VAL A 163 -10.69 -5.05 -19.96
CA VAL A 163 -11.31 -3.76 -19.69
C VAL A 163 -10.19 -2.75 -19.46
N LYS A 164 -10.34 -1.56 -20.03
CA LYS A 164 -9.24 -0.60 -20.06
C LYS A 164 -9.23 0.30 -18.82
N ALA A 165 -8.08 0.41 -18.19
CA ALA A 165 -7.81 1.45 -17.20
C ALA A 165 -7.10 2.59 -17.90
N SER A 166 -7.15 3.78 -17.29
CA SER A 166 -6.50 4.95 -17.86
C SER A 166 -5.19 5.31 -17.19
N GLY A 167 -4.95 4.82 -15.98
CA GLY A 167 -3.93 5.42 -15.15
C GLY A 167 -4.39 6.77 -14.65
N ALA A 168 -3.48 7.45 -13.96
CA ALA A 168 -3.82 8.70 -13.33
C ALA A 168 -4.25 9.75 -14.35
N GLN A 169 -5.32 10.47 -14.02
CA GLN A 169 -5.78 11.63 -14.77
C GLN A 169 -6.80 12.32 -13.89
N ALA A 170 -7.15 13.55 -14.26
CA ALA A 170 -8.13 14.31 -13.47
C ALA A 170 -9.43 13.52 -13.36
N GLY A 171 -9.94 13.40 -12.12
CA GLY A 171 -11.14 12.61 -11.86
C GLY A 171 -10.87 11.17 -11.48
N GLY A 172 -9.62 10.73 -11.51
CA GLY A 172 -9.30 9.37 -11.16
C GLY A 172 -9.33 8.47 -12.36
N ASP A 173 -8.99 7.21 -12.11
CA ASP A 173 -8.90 6.25 -13.17
C ASP A 173 -10.27 5.98 -13.77
N LEU A 174 -10.33 5.95 -15.10
CA LEU A 174 -11.56 5.62 -15.80
C LEU A 174 -12.05 4.20 -15.50
N LEU A 175 -11.19 3.33 -14.98
CA LEU A 175 -11.62 1.97 -14.68
C LEU A 175 -12.81 1.95 -13.72
N TYR A 176 -12.87 2.89 -12.79
CA TYR A 176 -13.87 2.80 -11.73
C TYR A 176 -15.28 3.02 -12.26
N ARG A 177 -15.45 3.77 -13.35
CA ARG A 177 -16.75 3.91 -13.97
C ARG A 177 -17.22 2.61 -14.60
N LYS A 178 -16.33 1.64 -14.75
CA LYS A 178 -16.61 0.32 -15.29
C LYS A 178 -16.77 -0.70 -14.17
N MET A 179 -16.84 -0.25 -12.93
CA MET A 179 -16.96 -1.10 -11.75
C MET A 179 -18.29 -0.83 -11.05
N GLU A 180 -19.36 -0.73 -11.83
CA GLU A 180 -20.70 -0.78 -11.28
C GLU A 180 -21.09 -2.24 -11.12
N GLY A 181 -22.37 -2.53 -10.92
CA GLY A 181 -22.77 -3.88 -10.58
C GLY A 181 -22.29 -4.92 -11.58
N ALA A 182 -22.51 -4.67 -12.87
CA ALA A 182 -22.12 -5.66 -13.88
C ALA A 182 -20.61 -5.88 -13.88
N GLY A 183 -19.83 -4.81 -13.78
CA GLY A 183 -18.39 -4.96 -13.76
C GLY A 183 -17.90 -5.68 -12.52
N ILE A 184 -18.49 -5.40 -11.36
CA ILE A 184 -18.15 -6.14 -10.15
C ILE A 184 -18.45 -7.63 -10.35
N ASP A 185 -19.61 -7.95 -10.94
CA ASP A 185 -19.93 -9.35 -11.15
C ASP A 185 -18.93 -10.03 -12.07
N ARG A 186 -18.49 -9.33 -13.12
CA ARG A 186 -17.47 -9.91 -14.00
C ARG A 186 -16.18 -10.15 -13.26
N ALA A 187 -15.77 -9.18 -12.43
CA ALA A 187 -14.53 -9.33 -11.68
C ALA A 187 -14.60 -10.50 -10.72
N LEU A 188 -15.73 -10.62 -10.01
CA LEU A 188 -15.91 -11.75 -9.07
C LEU A 188 -15.85 -13.07 -9.81
N ALA A 189 -16.46 -13.14 -11.00
CA ALA A 189 -16.44 -14.37 -11.78
C ALA A 189 -15.03 -14.72 -12.22
N LYS A 190 -14.22 -13.71 -12.54
CA LYS A 190 -12.85 -13.93 -12.98
C LYS A 190 -12.00 -14.48 -11.83
N ILE A 191 -12.12 -13.90 -10.64
CA ILE A 191 -11.39 -14.43 -9.50
C ILE A 191 -11.88 -15.84 -9.16
N LYS A 192 -13.19 -16.04 -9.13
CA LYS A 192 -13.72 -17.37 -8.85
C LYS A 192 -13.14 -18.39 -9.83
N LYS A 193 -13.06 -18.02 -11.11
CA LYS A 193 -12.54 -18.92 -12.12
CA LYS A 193 -12.54 -18.92 -12.12
C LYS A 193 -11.10 -19.32 -11.81
N LEU A 194 -10.26 -18.35 -11.50
CA LEU A 194 -8.87 -18.63 -11.14
C LEU A 194 -8.79 -19.55 -9.94
N CYS A 195 -9.58 -19.27 -8.91
CA CYS A 195 -9.45 -20.01 -7.66
C CYS A 195 -10.07 -21.39 -7.73
N THR A 196 -10.99 -21.63 -8.66
CA THR A 196 -11.62 -22.94 -8.78
C THR A 196 -10.93 -23.82 -9.83
N ASP A 197 -10.07 -23.25 -10.64
CA ASP A 197 -9.40 -24.02 -11.68
C ASP A 197 -8.46 -25.04 -11.05
N PRO A 198 -8.55 -26.33 -11.40
CA PRO A 198 -7.61 -27.30 -10.83
C PRO A 198 -6.16 -26.97 -11.14
N ASN A 199 -5.90 -26.23 -12.22
CA ASN A 199 -4.55 -25.79 -12.56
C ASN A 199 -4.27 -24.38 -12.06
N GLY A 200 -5.15 -23.82 -11.24
CA GLY A 200 -4.92 -22.58 -10.56
C GLY A 200 -5.04 -22.78 -9.07
N GLY A 201 -6.02 -22.13 -8.45
CA GLY A 201 -6.19 -22.17 -7.02
C GLY A 201 -5.55 -20.95 -6.36
N CYS A 202 -6.06 -20.61 -5.17
CA CYS A 202 -5.73 -19.34 -4.53
C CYS A 202 -5.39 -19.51 -3.07
N VAL A 203 -4.30 -18.85 -2.66
CA VAL A 203 -4.00 -18.56 -1.26
C VAL A 203 -4.28 -17.09 -1.07
N PHE A 204 -5.04 -16.73 -0.04
CA PHE A 204 -5.38 -15.35 0.25
C PHE A 204 -4.41 -14.79 1.27
N TRP A 205 -3.62 -13.79 0.87
CA TRP A 205 -2.66 -13.19 1.77
C TRP A 205 -3.23 -11.98 2.50
N ASN A 206 -2.77 -11.79 3.74
CA ASN A 206 -3.22 -10.71 4.61
C ASN A 206 -2.12 -9.79 5.07
N ALA A 207 -0.91 -10.29 5.24
CA ALA A 207 0.21 -9.52 5.74
C ALA A 207 1.20 -9.32 4.60
N GLY A 208 1.84 -8.16 4.61
CA GLY A 208 2.66 -7.76 3.47
C GLY A 208 3.83 -8.66 3.18
N ALA A 209 4.36 -9.34 4.20
CA ALA A 209 5.49 -10.24 3.97
C ALA A 209 5.08 -11.58 3.36
N GLN A 210 3.79 -11.90 3.31
CA GLN A 210 3.40 -13.23 2.87
C GLN A 210 3.67 -13.43 1.39
N PRO A 211 3.37 -12.49 0.48
CA PRO A 211 3.64 -12.75 -0.94
C PRO A 211 5.09 -13.13 -1.23
N PRO A 212 6.09 -12.36 -0.76
CA PRO A 212 7.47 -12.79 -1.06
C PRO A 212 7.84 -14.10 -0.41
N GLU A 213 7.35 -14.36 0.80
CA GLU A 213 7.64 -15.62 1.48
C GLU A 213 7.05 -16.80 0.73
N LEU A 214 5.80 -16.68 0.28
CA LEU A 214 5.16 -17.77 -0.46
C LEU A 214 5.90 -18.06 -1.76
N LEU A 215 6.40 -17.03 -2.44
CA LEU A 215 7.18 -17.23 -3.66
C LEU A 215 8.55 -17.82 -3.34
N ALA A 216 9.20 -17.34 -2.28
CA ALA A 216 10.53 -17.85 -1.94
C ALA A 216 10.48 -19.32 -1.60
N ASN A 217 9.39 -19.78 -0.99
CA ASN A 217 9.24 -21.17 -0.59
C ASN A 217 8.55 -22.02 -1.65
N GLY A 218 8.20 -21.45 -2.81
CA GLY A 218 7.61 -22.26 -3.85
C GLY A 218 6.17 -22.68 -3.61
N GLU A 219 5.46 -22.01 -2.70
CA GLU A 219 4.09 -22.39 -2.39
C GLU A 219 3.09 -21.90 -3.42
N VAL A 220 3.41 -20.84 -4.15
CA VAL A 220 2.60 -20.37 -5.27
C VAL A 220 3.56 -20.05 -6.40
N VAL A 221 3.03 -20.05 -7.64
CA VAL A 221 3.85 -19.71 -8.80
C VAL A 221 3.89 -18.20 -9.05
N MET A 222 2.83 -17.49 -8.67
CA MET A 222 2.75 -16.04 -8.81
C MET A 222 1.96 -15.51 -7.62
N ALA A 223 2.34 -14.33 -7.15
CA ALA A 223 1.68 -13.69 -6.01
C ALA A 223 1.56 -12.21 -6.27
N THR A 224 0.35 -11.67 -6.09
CA THR A 224 0.25 -10.22 -5.97
C THR A 224 0.88 -9.79 -4.64
N GLY A 225 1.19 -8.51 -4.54
CA GLY A 225 1.80 -7.97 -3.35
C GLY A 225 2.14 -6.52 -3.53
N TRP A 226 2.76 -5.95 -2.52
CA TRP A 226 3.21 -4.57 -2.56
C TRP A 226 4.67 -4.53 -3.00
N ASN A 227 4.97 -3.61 -3.91
CA ASN A 227 6.26 -3.67 -4.61
C ASN A 227 7.43 -3.58 -3.65
N GLY A 228 7.28 -2.84 -2.56
CA GLY A 228 8.38 -2.68 -1.61
C GLY A 228 8.72 -3.95 -0.89
N ARG A 229 7.72 -4.81 -0.67
CA ARG A 229 7.97 -6.10 -0.05
C ARG A 229 8.73 -7.02 -0.99
N PHE A 230 8.39 -7.01 -2.28
CA PHE A 230 9.16 -7.76 -3.26
C PHE A 230 10.57 -7.19 -3.38
N PHE A 231 10.69 -5.86 -3.42
CA PHE A 231 12.00 -5.21 -3.49
C PHE A 231 12.90 -5.65 -2.34
N ASN A 232 12.36 -5.68 -1.13
CA ASN A 232 13.16 -6.05 0.01
C ASN A 232 13.69 -7.48 -0.15
N ALA A 233 12.82 -8.40 -0.58
CA ALA A 233 13.24 -9.77 -0.78
C ALA A 233 14.30 -9.86 -1.86
N GLN A 234 14.15 -9.09 -2.95
CA GLN A 234 15.17 -9.06 -3.99
C GLN A 234 16.51 -8.59 -3.43
N MET A 235 16.50 -7.54 -2.61
CA MET A 235 17.75 -7.03 -2.08
C MET A 235 18.37 -7.98 -1.07
N GLU A 236 17.57 -8.88 -0.49
CA GLU A 236 18.08 -9.94 0.37
C GLU A 236 18.59 -11.14 -0.43
N GLY A 237 18.48 -11.11 -1.75
CA GLY A 237 19.01 -12.18 -2.59
C GLY A 237 17.99 -13.15 -3.11
N THR A 238 16.72 -12.98 -2.80
CA THR A 238 15.70 -13.89 -3.33
C THR A 238 15.44 -13.54 -4.78
N PRO A 239 15.49 -14.52 -5.72
CA PRO A 239 15.42 -14.23 -7.16
C PRO A 239 14.00 -13.98 -7.66
N LEU A 240 13.29 -13.07 -7.00
CA LEU A 240 11.97 -12.69 -7.48
C LEU A 240 12.11 -11.72 -8.64
N VAL A 241 11.09 -11.73 -9.51
CA VAL A 241 10.94 -10.73 -10.56
C VAL A 241 9.55 -10.13 -10.43
N GLN A 242 9.47 -8.80 -10.39
CA GLN A 242 8.22 -8.08 -10.31
C GLN A 242 7.70 -7.79 -11.73
N VAL A 243 6.39 -7.92 -11.89
CA VAL A 243 5.72 -7.61 -13.13
C VAL A 243 4.81 -6.43 -12.85
N TRP A 244 4.94 -5.38 -13.67
CA TRP A 244 4.33 -4.09 -13.42
C TRP A 244 3.13 -3.81 -14.32
N ASP A 245 2.80 -4.71 -15.23
CA ASP A 245 1.62 -4.54 -16.05
C ASP A 245 0.39 -4.52 -15.15
N ALA A 246 -0.45 -3.48 -15.29
CA ALA A 246 -1.63 -3.32 -14.46
C ALA A 246 -1.30 -3.19 -12.98
N GLN A 247 -0.10 -2.71 -12.66
CA GLN A 247 0.16 -2.31 -11.28
C GLN A 247 -0.84 -1.23 -10.86
N ILE A 248 -1.22 -1.25 -9.59
CA ILE A 248 -2.08 -0.21 -9.03
C ILE A 248 -1.23 0.74 -8.21
N LEU A 249 -1.15 1.99 -8.66
CA LEU A 249 -0.46 3.04 -7.94
C LEU A 249 -1.36 3.56 -6.84
N ASP A 250 -0.86 3.50 -5.61
CA ASP A 250 -1.64 3.85 -4.43
C ASP A 250 -0.83 4.81 -3.56
N TYR A 251 -1.54 5.53 -2.72
CA TYR A 251 -0.98 6.58 -1.88
C TYR A 251 -1.23 6.19 -0.43
N GLU A 252 -0.20 6.30 0.40
CA GLU A 252 -0.32 5.95 1.82
C GLU A 252 -0.23 7.20 2.68
N TYR A 253 -0.81 7.11 3.88
CA TYR A 253 -0.95 8.23 4.76
C TYR A 253 -0.73 7.84 6.20
N PHE A 254 -0.47 8.84 7.03
CA PHE A 254 -0.68 8.77 8.46
C PHE A 254 -1.97 9.53 8.80
N ALA A 255 -2.56 9.10 9.92
CA ALA A 255 -3.66 9.80 10.57
C ALA A 255 -3.38 9.81 12.07
N LEU A 256 -3.84 10.89 12.72
CA LEU A 256 -3.66 11.09 14.15
C LEU A 256 -4.93 10.64 14.87
N VAL A 257 -4.78 9.73 15.83
CA VAL A 257 -5.90 9.18 16.57
C VAL A 257 -6.32 10.14 17.68
N LYS A 258 -7.55 10.63 17.61
CA LYS A 258 -8.05 11.46 18.70
C LYS A 258 -8.13 10.65 19.98
N ASP A 259 -7.75 11.28 21.09
CA ASP A 259 -7.85 10.73 22.43
C ASP A 259 -6.85 9.59 22.67
N GLY A 260 -5.86 9.41 21.81
CA GLY A 260 -4.76 8.52 22.11
C GLY A 260 -3.90 9.08 23.23
N PRO A 261 -2.97 8.29 23.75
CA PRO A 261 -2.18 8.74 24.92
C PRO A 261 -1.44 10.05 24.71
N GLY A 262 -0.93 10.29 23.51
CA GLY A 262 -0.19 11.51 23.21
C GLY A 262 -1.00 12.58 22.49
N TYR A 263 -2.33 12.50 22.54
CA TYR A 263 -3.16 13.44 21.81
C TYR A 263 -3.26 14.78 22.52
N ALA A 264 -3.80 14.76 23.75
CA ALA A 264 -4.10 16.02 24.44
C ALA A 264 -2.85 16.84 24.69
N ASP A 265 -1.72 16.20 24.97
CA ASP A 265 -0.51 16.93 25.33
C ASP A 265 0.32 17.36 24.12
N GLY A 266 -0.14 17.06 22.90
CA GLY A 266 0.54 17.52 21.70
C GLY A 266 1.71 16.68 21.27
N SER A 267 2.09 15.64 22.02
CA SER A 267 3.30 14.90 21.70
C SER A 267 3.15 14.10 20.40
N ALA A 268 1.98 13.51 20.16
CA ALA A 268 1.79 12.74 18.94
C ALA A 268 1.85 13.62 17.72
N MET A 269 1.25 14.81 17.78
CA MET A 269 1.33 15.74 16.67
C MET A 269 2.77 16.16 16.40
N LYS A 270 3.55 16.41 17.45
CA LYS A 270 4.94 16.80 17.26
C LYS A 270 5.73 15.70 16.56
N VAL A 271 5.53 14.44 16.98
CA VAL A 271 6.16 13.32 16.31
C VAL A 271 5.73 13.24 14.85
N LEU A 272 4.42 13.40 14.60
CA LEU A 272 3.92 13.26 13.24
C LEU A 272 4.50 14.32 12.32
N ALA A 273 4.60 15.57 12.79
CA ALA A 273 5.15 16.65 11.96
C ALA A 273 6.60 16.37 11.60
N GLU A 274 7.37 15.81 12.52
CA GLU A 274 8.78 15.53 12.24
CA GLU A 274 8.78 15.53 12.24
C GLU A 274 8.94 14.30 11.34
N MET A 275 8.11 13.27 11.53
CA MET A 275 8.22 12.08 10.69
C MET A 275 7.91 12.40 9.24
N THR A 276 6.95 13.30 9.00
CA THR A 276 6.51 13.65 7.65
C THR A 276 7.25 14.85 7.07
N SER A 277 8.41 15.19 7.64
CA SER A 277 9.23 16.27 7.12
C SER A 277 9.88 15.86 5.79
N THR A 278 10.42 16.85 5.08
CA THR A 278 11.16 16.59 3.85
C THR A 278 12.24 15.55 4.07
N GLU A 279 13.05 15.73 5.11
CA GLU A 279 14.16 14.84 5.35
C GLU A 279 13.68 13.46 5.79
N GLY A 280 12.62 13.40 6.60
CA GLY A 280 12.11 12.12 7.06
C GLY A 280 11.61 11.26 5.93
N LEU A 281 10.75 11.83 5.09
CA LEU A 281 10.18 11.02 4.01
C LEU A 281 11.26 10.59 3.02
N ALA A 282 12.20 11.48 2.71
CA ALA A 282 13.31 11.06 1.85
C ALA A 282 14.12 9.94 2.48
N GLY A 283 14.33 10.00 3.79
CA GLY A 283 15.13 8.99 4.47
C GLY A 283 14.56 7.59 4.36
N SER A 284 13.23 7.47 4.37
CA SER A 284 12.62 6.15 4.28
C SER A 284 12.98 5.46 2.98
N ALA A 285 13.17 6.22 1.90
CA ALA A 285 13.46 5.67 0.58
C ALA A 285 14.90 5.20 0.45
N LYS A 286 15.73 5.40 1.47
CA LYS A 286 17.04 4.76 1.50
C LYS A 286 16.93 3.27 1.80
N TYR A 287 15.75 2.82 2.23
CA TYR A 287 15.55 1.46 2.70
C TYR A 287 14.58 0.64 1.88
N ILE A 288 13.61 1.27 1.22
CA ILE A 288 12.57 0.53 0.51
C ILE A 288 12.14 1.36 -0.69
N ALA A 289 11.64 0.67 -1.72
CA ALA A 289 11.26 1.29 -2.98
C ALA A 289 9.85 1.87 -2.95
N TYR A 290 9.62 2.79 -2.01
CA TYR A 290 8.39 3.56 -1.93
C TYR A 290 8.73 5.03 -2.07
N ALA A 291 7.95 5.74 -2.85
CA ALA A 291 8.29 7.10 -3.26
C ALA A 291 7.78 8.12 -2.25
N PRO A 292 8.60 9.07 -1.83
CA PRO A 292 8.12 10.10 -0.91
C PRO A 292 7.01 10.94 -1.51
N TRP A 293 6.10 11.40 -0.63
CA TRP A 293 4.95 12.21 -1.04
C TRP A 293 5.35 13.63 -1.41
N ARG A 294 6.43 14.15 -0.83
CA ARG A 294 6.81 15.55 -1.02
C ARG A 294 7.73 15.73 -2.22
N LYS A 295 7.45 16.76 -3.01
CA LYS A 295 8.33 17.09 -4.13
C LYS A 295 9.75 17.37 -3.64
N SER A 296 9.88 18.05 -2.50
CA SER A 296 11.20 18.34 -1.96
C SER A 296 11.95 17.05 -1.64
N SER A 297 11.27 16.07 -1.06
CA SER A 297 11.91 14.80 -0.73
C SER A 297 12.31 14.03 -1.99
N ILE A 298 11.45 14.05 -3.01
CA ILE A 298 11.77 13.41 -4.28
CA ILE A 298 11.78 13.40 -4.27
C ILE A 298 13.04 14.03 -4.86
N ALA A 299 13.13 15.35 -4.85
CA ALA A 299 14.29 16.02 -5.43
C ALA A 299 15.56 15.64 -4.68
N ILE A 300 15.48 15.49 -3.36
CA ILE A 300 16.64 15.07 -2.57
C ILE A 300 17.08 13.68 -2.98
N MET A 301 16.13 12.74 -3.06
CA MET A 301 16.46 11.38 -3.43
C MET A 301 17.11 11.32 -4.80
N GLU A 302 16.54 12.04 -5.78
CA GLU A 302 17.07 11.99 -7.13
C GLU A 302 18.47 12.59 -7.19
N ALA A 303 18.69 13.71 -6.51
CA ALA A 303 20.01 14.33 -6.49
C ALA A 303 21.03 13.48 -5.77
N GLY A 304 20.59 12.68 -4.81
CA GLY A 304 21.45 11.85 -4.00
C GLY A 304 21.66 10.44 -4.49
N GLU A 305 21.26 10.12 -5.71
CA GLU A 305 21.45 8.77 -6.23
C GLU A 305 22.94 8.44 -6.33
N PRO A 306 23.32 7.19 -6.05
CA PRO A 306 22.46 6.07 -5.61
C PRO A 306 22.00 6.25 -4.17
N TRP A 307 20.68 6.25 -3.96
CA TRP A 307 20.11 6.65 -2.69
C TRP A 307 19.95 5.48 -1.71
N PHE A 308 20.02 4.24 -2.19
CA PHE A 308 19.87 3.11 -1.30
C PHE A 308 20.98 3.14 -0.24
N LYS A 309 20.69 2.52 0.90
CA LYS A 309 21.60 2.55 2.04
C LYS A 309 23.02 2.12 1.70
N ASP A 310 23.23 1.33 0.65
CA ASP A 310 24.56 0.84 0.31
C ASP A 310 25.39 1.85 -0.47
N GLY A 311 24.81 2.99 -0.84
CA GLY A 311 25.52 3.93 -1.68
C GLY A 311 25.88 3.42 -3.06
N LYS A 312 25.22 2.34 -3.52
CA LYS A 312 25.48 1.73 -4.82
C LYS A 312 24.22 1.55 -5.67
N THR A 313 23.10 1.19 -5.05
CA THR A 313 21.88 0.87 -5.78
C THR A 313 21.06 2.13 -6.00
N ASN A 314 20.79 2.44 -7.26
CA ASN A 314 19.90 3.55 -7.58
C ASN A 314 18.46 3.16 -7.27
N MET A 315 17.75 4.04 -6.58
CA MET A 315 16.39 3.74 -6.15
C MET A 315 15.33 4.16 -7.17
N VAL A 316 15.59 5.18 -7.97
CA VAL A 316 14.55 5.69 -8.88
C VAL A 316 13.97 4.61 -9.78
N PRO A 317 14.77 3.74 -10.42
CA PRO A 317 14.17 2.74 -11.32
C PRO A 317 13.28 1.74 -10.61
N HIS A 318 13.37 1.63 -9.29
CA HIS A 318 12.54 0.72 -8.52
C HIS A 318 11.27 1.36 -8.00
N MET A 319 11.07 2.64 -8.22
CA MET A 319 9.97 3.34 -7.60
C MET A 319 8.64 3.09 -8.32
N PRO A 320 7.55 3.13 -7.55
CA PRO A 320 6.22 3.00 -8.17
C PRO A 320 5.96 4.02 -9.25
N THR A 321 6.63 5.15 -9.18
CA THR A 321 6.40 6.30 -10.03
C THR A 321 7.42 6.41 -11.16
N ALA A 322 8.33 5.45 -11.30
CA ALA A 322 9.25 5.48 -12.42
C ALA A 322 8.47 5.30 -13.72
N PRO A 323 8.77 6.10 -14.76
CA PRO A 323 8.00 5.97 -16.01
C PRO A 323 7.92 4.56 -16.56
N SER A 324 9.02 3.81 -16.50
CA SER A 324 8.99 2.43 -16.97
CA SER A 324 8.98 2.43 -16.98
C SER A 324 7.96 1.60 -16.21
N ASN A 325 7.82 1.84 -14.92
CA ASN A 325 6.90 1.05 -14.10
C ASN A 325 5.46 1.51 -14.24
N LEU A 326 5.20 2.66 -14.85
CA LEU A 326 3.88 3.25 -14.97
C LEU A 326 3.20 2.97 -16.30
N LYS A 327 3.83 2.23 -17.21
CA LYS A 327 3.33 2.17 -18.58
C LYS A 327 1.87 1.71 -18.68
N SER A 328 1.43 0.80 -17.81
CA SER A 328 0.04 0.33 -17.88
C SER A 328 -0.61 0.33 -16.50
N HIS A 329 -0.34 1.34 -15.71
CA HIS A 329 -0.81 1.37 -14.34
C HIS A 329 -2.28 1.75 -14.24
N ILE A 330 -2.85 1.36 -13.11
CA ILE A 330 -4.17 1.77 -12.65
C ILE A 330 -3.94 2.72 -11.48
N LEU A 331 -4.71 3.80 -11.38
CA LEU A 331 -4.62 4.68 -10.21
C LEU A 331 -5.70 4.27 -9.20
N MET A 332 -5.30 3.85 -8.00
CA MET A 332 -6.28 3.48 -6.98
C MET A 332 -7.23 4.65 -6.72
N ASN A 333 -8.52 4.35 -6.55
CA ASN A 333 -9.50 5.35 -6.20
C ASN A 333 -9.99 5.10 -4.79
N PRO A 334 -9.57 5.92 -3.81
CA PRO A 334 -9.96 5.65 -2.42
C PRO A 334 -11.40 5.97 -2.12
N ASP A 335 -12.01 6.94 -2.81
CA ASP A 335 -13.42 7.23 -2.58
C ASP A 335 -14.28 6.05 -2.98
N TYR A 336 -13.93 5.38 -4.08
CA TYR A 336 -14.70 4.23 -4.53
C TYR A 336 -14.77 3.18 -3.44
N TRP A 337 -13.62 2.84 -2.87
CA TRP A 337 -13.58 1.80 -1.85
C TRP A 337 -14.16 2.28 -0.51
N ALA A 338 -13.93 3.54 -0.14
CA ALA A 338 -14.59 4.03 1.08
C ALA A 338 -16.10 3.96 0.94
N ASP A 339 -16.61 4.30 -0.24
CA ASP A 339 -18.05 4.33 -0.43
C ASP A 339 -18.65 2.94 -0.58
N ASN A 340 -17.95 2.02 -1.24
CA ASN A 340 -18.57 0.77 -1.68
C ASN A 340 -18.01 -0.49 -1.05
N GLN A 341 -17.03 -0.39 -0.17
CA GLN A 341 -16.41 -1.63 0.30
C GLN A 341 -17.39 -2.55 1.04
N ASP A 342 -18.37 -2.02 1.78
CA ASP A 342 -19.29 -2.92 2.51
C ASP A 342 -20.12 -3.75 1.54
N GLU A 343 -20.73 -3.09 0.56
CA GLU A 343 -21.56 -3.80 -0.41
C GLU A 343 -20.71 -4.81 -1.17
N ILE A 344 -19.54 -4.39 -1.63
CA ILE A 344 -18.70 -5.29 -2.41
C ILE A 344 -18.21 -6.45 -1.55
N ASN A 345 -17.82 -6.15 -0.30
CA ASN A 345 -17.27 -7.20 0.55
C ASN A 345 -18.29 -8.29 0.82
N GLU A 346 -19.58 -7.95 0.90
CA GLU A 346 -20.57 -9.00 1.11
C GLU A 346 -20.54 -9.99 -0.05
N LYS A 347 -20.46 -9.50 -1.28
CA LYS A 347 -20.40 -10.40 -2.44
C LYS A 347 -19.07 -11.13 -2.51
N TRP A 348 -17.98 -10.44 -2.16
CA TRP A 348 -16.66 -11.04 -2.18
C TRP A 348 -16.57 -12.19 -1.19
N GLU A 349 -17.02 -11.97 0.04
CA GLU A 349 -16.94 -13.02 1.04
C GLU A 349 -17.88 -14.16 0.71
N ALA A 350 -19.03 -13.89 0.07
CA ALA A 350 -19.90 -14.98 -0.34
C ALA A 350 -19.22 -15.81 -1.43
N MET A 351 -18.50 -15.16 -2.34
CA MET A 351 -17.73 -15.90 -3.34
C MET A 351 -16.67 -16.77 -2.67
N LYS A 352 -15.94 -16.21 -1.71
CA LYS A 352 -14.90 -16.99 -1.04
C LYS A 352 -15.50 -18.16 -0.26
N ALA A 353 -16.64 -17.95 0.38
CA ALA A 353 -17.29 -19.05 1.11
C ALA A 353 -17.74 -20.15 0.17
N GLY A 354 -18.13 -19.77 -1.05
CA GLY A 354 -18.52 -20.77 -2.03
C GLY A 354 -17.37 -21.61 -2.50
N LEU A 355 -16.15 -21.07 -2.47
CA LEU A 355 -14.98 -21.84 -2.88
C LEU A 355 -14.81 -23.05 -1.98
N HIS A 356 -15.02 -22.84 -0.67
CA HIS A 356 -14.86 -23.92 0.31
C HIS A 356 -16.00 -24.91 0.22
N HIS A 357 -17.25 -24.40 0.20
CA HIS A 357 -18.41 -25.29 0.21
C HIS A 357 -18.48 -26.15 -1.04
N HIS A 358 -17.79 -25.77 -2.11
CA HIS A 358 -17.69 -26.58 -3.31
C HIS A 358 -16.38 -27.35 -3.38
N HIS A 359 -15.44 -27.09 -2.46
CA HIS A 359 -14.15 -27.76 -2.47
C HIS A 359 -14.29 -29.15 -1.89
N HIS A 360 -13.71 -30.14 -2.58
CA HIS A 360 -13.66 -31.50 -2.08
C HIS A 360 -12.24 -31.75 -1.57
N HIS A 361 -12.14 -32.27 -0.34
CA HIS A 361 -10.84 -32.50 0.27
C HIS A 361 -9.93 -33.30 -0.65
N PRO B . 1.32 -1.18 3.06
CA PRO B . 2.51 -1.39 2.22
C PRO B . 3.51 -2.28 2.92
O PRO B . 3.21 -2.68 4.06
CB PRO B . 3.06 0.04 2.03
CG PRO B . 1.99 0.96 2.49
CD PRO B . 1.32 0.20 3.60
OXT PRO B . 4.56 -2.60 2.34
O1 MES C . -14.88 -4.55 3.14
C2 MES C . -13.64 -5.11 3.52
C3 MES C . -12.92 -4.26 4.53
N4 MES C . -13.77 -4.08 5.75
C5 MES C . -15.11 -3.54 5.33
C6 MES C . -15.72 -4.43 4.28
C7 MES C . -13.07 -3.19 6.74
C8 MES C . -13.88 -3.01 8.01
S MES C . -12.81 -2.34 9.25
O1S MES C . -12.13 -1.21 8.65
O2S MES C . -13.68 -1.96 10.37
O3S MES C . -11.87 -3.40 9.61
O1 MES D . -2.28 17.64 18.44
C2 MES D . -1.93 18.83 19.16
C3 MES D . -2.65 18.89 20.48
N4 MES D . -4.12 18.84 20.27
C5 MES D . -4.48 17.64 19.45
C6 MES D . -3.68 17.64 18.17
C7 MES D . -4.86 18.85 21.57
C8 MES D . -6.34 19.15 21.38
S MES D . -7.04 19.06 23.01
O1S MES D . -8.39 19.60 22.89
O2S MES D . -7.04 17.65 23.37
O3S MES D . -6.19 19.87 23.87
O1 PG4 E . 22.72 -5.06 4.63
C1 PG4 E . 22.44 -6.13 3.74
C2 PG4 E . 21.53 -5.70 2.64
O2 PG4 E . 20.18 -5.82 3.05
C3 PG4 E . 19.27 -5.74 1.96
C4 PG4 E . 17.92 -5.35 2.45
O3 PG4 E . 17.96 -4.00 2.88
C5 PG4 E . 16.69 -3.56 3.36
C6 PG4 E . 16.77 -2.16 3.88
O4 PG4 E . 17.69 -2.13 4.97
C7 PG4 E . 17.07 -2.33 6.23
C8 PG4 E . 18.06 -2.09 7.32
O5 PG4 E . 19.17 -2.97 7.22
C1 GOL F . 11.43 -2.15 -11.28
O1 GOL F . 11.51 -2.53 -12.65
C2 GOL F . 11.86 -3.30 -10.36
O2 GOL F . 10.96 -4.37 -10.46
C3 GOL F . 11.77 -2.83 -8.92
O3 GOL F . 12.38 -3.73 -8.02
C1 GOL G . 3.33 10.56 -9.24
O1 GOL G . 4.10 10.45 -10.41
C2 GOL G . 3.80 11.76 -8.43
O2 GOL G . 4.11 11.37 -7.11
C3 GOL G . 5.00 12.46 -9.02
O3 GOL G . 5.32 13.58 -8.22
#